data_3BT3
#
_entry.id   3BT3
#
_cell.length_a   86.410
_cell.length_b   87.100
_cell.length_c   50.700
_cell.angle_alpha   90.00
_cell.angle_beta   90.00
_cell.angle_gamma   90.00
#
_symmetry.space_group_name_H-M   'P 21 21 2'
#
loop_
_entity.id
_entity.type
_entity.pdbx_description
1 polymer 'Glyoxalase-related enzyme, AraC type'
2 water water
#
_entity_poly.entity_id   1
_entity_poly.type   'polypeptide(L)'
_entity_poly.pdbx_seq_one_letter_code
;SLENERLIKMSRFSERGYVVRENGPVYFTKDMDKTVKWFEEILGWSGDIVARDDEGFGDYGCVFDYPSEVAVAHLTPFRG
FHLFKGEPIKGVAGFMMIEGIDALHKYVKENGWDQISDIYTQPWGARECSITTTDGCILRFFESIQEG
;
_entity_poly.pdbx_strand_id   A,B
#
# COMPACT_ATOMS: atom_id res chain seq x y z
N GLU A 15 -5.12 18.62 -3.61
CA GLU A 15 -4.67 18.74 -5.04
C GLU A 15 -5.46 19.83 -5.74
N ARG A 16 -5.45 19.77 -7.06
CA ARG A 16 -6.18 20.71 -7.87
C ARG A 16 -6.13 20.19 -9.28
N GLY A 17 -7.28 19.71 -9.75
CA GLY A 17 -7.36 19.19 -11.09
C GLY A 17 -7.25 17.68 -11.16
N TYR A 18 -6.99 17.02 -10.04
CA TYR A 18 -6.86 15.56 -10.06
C TYR A 18 -7.25 14.86 -8.76
N VAL A 19 -7.78 13.65 -8.88
CA VAL A 19 -8.19 12.86 -7.73
C VAL A 19 -7.59 11.48 -7.76
N VAL A 20 -7.32 10.93 -6.58
CA VAL A 20 -6.77 9.59 -6.51
C VAL A 20 -7.95 8.62 -6.48
N ARG A 21 -8.08 7.82 -7.53
CA ARG A 21 -9.18 6.87 -7.60
C ARG A 21 -8.89 5.61 -6.80
N GLU A 22 -7.68 5.08 -6.94
CA GLU A 22 -7.31 3.86 -6.22
C GLU A 22 -5.87 3.95 -5.77
N ASN A 23 -5.55 3.24 -4.69
CA ASN A 23 -4.20 3.25 -4.18
C ASN A 23 -3.90 2.00 -3.37
N GLY A 24 -3.84 0.86 -4.05
CA GLY A 24 -3.54 -0.39 -3.36
C GLY A 24 -2.04 -0.52 -3.15
N PRO A 25 -1.61 -1.11 -2.03
CA PRO A 25 -0.19 -1.28 -1.74
C PRO A 25 0.56 -2.15 -2.76
N VAL A 26 1.86 -1.92 -2.88
CA VAL A 26 2.68 -2.70 -3.81
C VAL A 26 3.41 -3.83 -3.10
N TYR A 27 3.69 -4.91 -3.83
CA TYR A 27 4.36 -6.07 -3.26
C TYR A 27 5.27 -6.69 -4.34
N PHE A 28 6.54 -6.92 -4.01
CA PHE A 28 7.44 -7.49 -5.01
C PHE A 28 7.76 -8.96 -4.79
N THR A 29 7.84 -9.71 -5.88
CA THR A 29 8.12 -11.13 -5.79
C THR A 29 8.91 -11.70 -6.97
N LYS A 30 9.79 -12.65 -6.68
CA LYS A 30 10.62 -13.31 -7.70
C LYS A 30 9.86 -14.45 -8.37
N ASP A 31 8.79 -14.94 -7.73
CA ASP A 31 7.98 -16.02 -8.30
C ASP A 31 6.51 -15.80 -7.89
N MET A 32 5.81 -15.02 -8.72
CA MET A 32 4.42 -14.65 -8.50
C MET A 32 3.45 -15.79 -8.21
N ASP A 33 3.51 -16.86 -8.99
CA ASP A 33 2.63 -18.00 -8.76
C ASP A 33 2.71 -18.53 -7.34
N LYS A 34 3.93 -18.72 -6.84
CA LYS A 34 4.10 -19.23 -5.48
C LYS A 34 3.52 -18.24 -4.45
N THR A 35 3.70 -16.94 -4.70
CA THR A 35 3.19 -15.89 -3.82
C THR A 35 1.67 -15.91 -3.80
N VAL A 36 1.08 -16.04 -4.98
CA VAL A 36 -0.37 -16.09 -5.10
C VAL A 36 -0.96 -17.34 -4.44
N LYS A 37 -0.26 -18.46 -4.54
CA LYS A 37 -0.73 -19.70 -3.93
C LYS A 37 -0.71 -19.57 -2.42
N TRP A 38 0.28 -18.84 -1.93
CA TRP A 38 0.41 -18.63 -0.50
C TRP A 38 -0.76 -17.78 0.00
N PHE A 39 -1.01 -16.67 -0.67
CA PHE A 39 -2.10 -15.80 -0.28
C PHE A 39 -3.42 -16.56 -0.30
N GLU A 40 -3.52 -17.54 -1.20
CA GLU A 40 -4.74 -18.34 -1.31
C GLU A 40 -4.82 -19.42 -0.24
N GLU A 41 -3.77 -20.22 -0.10
CA GLU A 41 -3.77 -21.31 0.86
C GLU A 41 -3.67 -20.94 2.32
N ILE A 42 -2.96 -19.87 2.64
CA ILE A 42 -2.80 -19.50 4.02
C ILE A 42 -3.73 -18.41 4.53
N LEU A 43 -3.89 -17.33 3.76
CA LEU A 43 -4.77 -16.26 4.20
C LEU A 43 -6.19 -16.36 3.66
N GLY A 44 -6.41 -17.28 2.73
CA GLY A 44 -7.74 -17.44 2.17
C GLY A 44 -8.13 -16.33 1.20
N TRP A 45 -7.14 -15.69 0.59
CA TRP A 45 -7.39 -14.62 -0.38
C TRP A 45 -7.52 -15.19 -1.80
N SER A 46 -7.75 -14.31 -2.76
CA SER A 46 -7.86 -14.72 -4.15
C SER A 46 -6.82 -13.98 -4.97
N GLY A 47 -6.45 -14.53 -6.11
CA GLY A 47 -5.45 -13.86 -6.91
C GLY A 47 -5.51 -14.20 -8.37
N ASP A 48 -4.79 -13.44 -9.17
CA ASP A 48 -4.76 -13.67 -10.60
C ASP A 48 -3.54 -13.00 -11.19
N ILE A 49 -2.86 -13.74 -12.07
CA ILE A 49 -1.67 -13.23 -12.73
C ILE A 49 -2.09 -12.74 -14.10
N VAL A 50 -1.91 -11.45 -14.33
CA VAL A 50 -2.31 -10.81 -15.57
C VAL A 50 -1.32 -10.86 -16.73
N ALA A 51 -0.03 -10.94 -16.42
CA ALA A 51 0.98 -11.00 -17.47
C ALA A 51 2.21 -11.79 -17.04
N ARG A 52 2.75 -12.60 -17.95
CA ARG A 52 3.93 -13.41 -17.67
C ARG A 52 5.10 -13.04 -18.59
N ASP A 53 6.31 -13.45 -18.20
CA ASP A 53 7.51 -13.17 -19.00
C ASP A 53 7.74 -14.31 -19.99
N ASP A 54 8.83 -14.24 -20.75
CA ASP A 54 9.10 -15.27 -21.75
C ASP A 54 9.37 -16.64 -21.12
N GLU A 55 9.70 -16.66 -19.84
CA GLU A 55 10.00 -17.91 -19.15
C GLU A 55 8.80 -18.47 -18.38
N GLY A 56 7.66 -17.79 -18.46
CA GLY A 56 6.45 -18.28 -17.79
C GLY A 56 6.10 -17.69 -16.43
N PHE A 57 6.96 -16.82 -15.91
CA PHE A 57 6.72 -16.20 -14.61
C PHE A 57 5.89 -14.93 -14.70
N GLY A 58 5.14 -14.64 -13.65
CA GLY A 58 4.32 -13.45 -13.65
C GLY A 58 5.08 -12.15 -13.51
N ASP A 59 4.75 -11.16 -14.35
CA ASP A 59 5.37 -9.84 -14.28
C ASP A 59 4.44 -8.93 -13.49
N TYR A 60 3.15 -9.14 -13.67
CA TYR A 60 2.16 -8.35 -13.00
C TYR A 60 0.94 -9.16 -12.62
N GLY A 61 0.39 -8.85 -11.46
CA GLY A 61 -0.79 -9.54 -10.98
C GLY A 61 -1.27 -8.91 -9.71
N CYS A 62 -2.18 -9.57 -9.00
CA CYS A 62 -2.64 -9.00 -7.75
C CYS A 62 -3.39 -10.01 -6.92
N VAL A 63 -3.54 -9.68 -5.65
CA VAL A 63 -4.26 -10.51 -4.70
C VAL A 63 -5.20 -9.61 -3.92
N PHE A 64 -6.35 -10.14 -3.55
CA PHE A 64 -7.34 -9.38 -2.81
C PHE A 64 -8.08 -10.30 -1.86
N ASP A 65 -8.59 -9.72 -0.77
CA ASP A 65 -9.30 -10.49 0.24
C ASP A 65 -10.68 -11.00 -0.18
N TYR A 66 -11.35 -10.28 -1.08
CA TYR A 66 -12.67 -10.70 -1.54
C TYR A 66 -12.60 -11.68 -2.72
N PRO A 67 -13.76 -12.19 -3.17
CA PRO A 67 -13.81 -13.14 -4.29
C PRO A 67 -13.52 -12.46 -5.63
N SER A 68 -13.22 -13.27 -6.65
CA SER A 68 -12.90 -12.77 -7.98
C SER A 68 -14.04 -11.94 -8.59
N GLU A 69 -15.27 -12.30 -8.23
CA GLU A 69 -16.47 -11.60 -8.71
C GLU A 69 -16.32 -10.09 -8.56
N VAL A 70 -15.65 -9.67 -7.48
CA VAL A 70 -15.42 -8.25 -7.23
C VAL A 70 -13.96 -7.94 -7.53
N ALA A 71 -13.75 -7.10 -8.54
CA ALA A 71 -12.44 -6.68 -9.01
C ALA A 71 -12.66 -6.60 -10.51
N VAL A 72 -13.39 -7.60 -10.99
CA VAL A 72 -13.75 -7.69 -12.40
C VAL A 72 -15.00 -6.83 -12.51
N ALA A 73 -15.56 -6.53 -11.34
CA ALA A 73 -16.76 -5.71 -11.23
C ALA A 73 -16.50 -4.68 -10.14
N HIS A 74 -15.73 -3.64 -10.48
CA HIS A 74 -15.39 -2.58 -9.53
C HIS A 74 -16.60 -2.13 -8.70
N PRO A 77 -12.40 0.93 -5.23
CA PRO A 77 -12.85 -0.39 -4.93
C PRO A 77 -11.85 -1.49 -5.39
N PHE A 78 -10.55 -1.26 -5.06
CA PHE A 78 -9.38 -2.21 -5.15
C PHE A 78 -8.56 -1.86 -3.89
N ARG A 79 -8.46 -2.83 -3.02
CA ARG A 79 -7.76 -2.71 -1.76
C ARG A 79 -6.85 -3.91 -1.47
N GLY A 80 -6.38 -4.59 -2.50
CA GLY A 80 -5.49 -5.71 -2.29
C GLY A 80 -4.05 -5.28 -2.51
N PHE A 81 -3.20 -6.22 -2.93
CA PHE A 81 -1.81 -5.90 -3.22
C PHE A 81 -1.56 -6.04 -4.72
N HIS A 82 -0.79 -5.11 -5.29
CA HIS A 82 -0.41 -5.20 -6.69
C HIS A 82 0.87 -6.02 -6.60
N LEU A 83 1.01 -7.01 -7.47
CA LEU A 83 2.22 -7.84 -7.47
C LEU A 83 3.08 -7.56 -8.70
N PHE A 84 4.35 -7.24 -8.46
CA PHE A 84 5.33 -6.95 -9.51
C PHE A 84 6.54 -7.88 -9.33
N LYS A 85 7.23 -8.19 -10.44
CA LYS A 85 8.41 -9.04 -10.39
C LYS A 85 9.55 -8.23 -9.79
N GLY A 86 10.26 -8.81 -8.82
CA GLY A 86 11.38 -8.12 -8.20
C GLY A 86 11.79 -8.71 -6.87
N GLU A 87 12.81 -8.11 -6.24
CA GLU A 87 13.27 -8.59 -4.94
C GLU A 87 12.19 -8.36 -3.88
N PRO A 88 11.86 -9.42 -3.12
CA PRO A 88 10.84 -9.30 -2.08
C PRO A 88 11.20 -8.16 -1.12
N ILE A 89 10.18 -7.56 -0.52
CA ILE A 89 10.43 -6.49 0.44
C ILE A 89 10.95 -7.09 1.74
N LYS A 90 12.00 -6.48 2.28
CA LYS A 90 12.59 -6.92 3.55
C LYS A 90 12.02 -5.98 4.61
N GLY A 91 11.21 -6.54 5.51
CA GLY A 91 10.59 -5.72 6.53
C GLY A 91 9.09 -5.71 6.34
N VAL A 92 8.44 -4.67 6.85
CA VAL A 92 7.00 -4.53 6.76
C VAL A 92 6.50 -4.12 5.38
N ALA A 93 5.57 -4.90 4.85
CA ALA A 93 5.01 -4.64 3.52
C ALA A 93 3.52 -4.33 3.59
N GLY A 94 2.90 -4.58 4.73
CA GLY A 94 1.48 -4.32 4.88
C GLY A 94 1.06 -3.98 6.29
N PHE A 95 0.07 -3.10 6.41
CA PHE A 95 -0.43 -2.64 7.70
C PHE A 95 -1.93 -2.53 7.54
N MET A 96 -2.65 -3.62 7.76
CA MET A 96 -4.09 -3.57 7.56
C MET A 96 -5.00 -3.83 8.75
N MET A 97 -6.06 -3.02 8.81
CA MET A 97 -7.05 -3.11 9.86
C MET A 97 -8.04 -4.21 9.50
N ILE A 98 -8.28 -5.13 10.43
CA ILE A 98 -9.23 -6.21 10.17
C ILE A 98 -10.23 -6.41 11.29
N GLU A 99 -11.14 -7.35 11.05
CA GLU A 99 -12.16 -7.68 12.02
C GLU A 99 -12.14 -9.19 12.13
N GLY A 100 -11.95 -9.70 13.34
CA GLY A 100 -11.90 -11.13 13.55
C GLY A 100 -10.45 -11.57 13.58
N ILE A 101 -9.66 -10.87 14.39
CA ILE A 101 -8.23 -11.17 14.51
C ILE A 101 -7.98 -12.59 15.03
N ASP A 102 -8.86 -13.07 15.89
CA ASP A 102 -8.69 -14.42 16.43
C ASP A 102 -8.97 -15.44 15.33
N ALA A 103 -10.01 -15.19 14.54
CA ALA A 103 -10.35 -16.07 13.44
C ALA A 103 -9.18 -16.13 12.46
N LEU A 104 -8.56 -14.99 12.18
CA LEU A 104 -7.44 -14.98 11.25
C LEU A 104 -6.30 -15.88 11.72
N HIS A 105 -5.86 -15.67 12.96
CA HIS A 105 -4.77 -16.45 13.52
C HIS A 105 -5.04 -17.94 13.46
N LYS A 106 -6.27 -18.33 13.78
CA LYS A 106 -6.67 -19.72 13.78
C LYS A 106 -6.68 -20.27 12.35
N TYR A 107 -7.14 -19.44 11.41
CA TYR A 107 -7.19 -19.86 10.01
C TYR A 107 -5.78 -20.15 9.49
N VAL A 108 -4.87 -19.20 9.71
CA VAL A 108 -3.49 -19.34 9.28
C VAL A 108 -2.89 -20.60 9.92
N LYS A 109 -2.96 -20.68 11.26
CA LYS A 109 -2.43 -21.86 11.95
C LYS A 109 -3.06 -23.14 11.41
N GLU A 110 -4.37 -23.12 11.23
CA GLU A 110 -5.08 -24.28 10.73
C GLU A 110 -4.60 -24.70 9.36
N ASN A 111 -4.13 -23.74 8.57
CA ASN A 111 -3.65 -24.06 7.25
C ASN A 111 -2.17 -24.42 7.18
N GLY A 112 -1.59 -24.68 8.35
CA GLY A 112 -0.20 -25.11 8.40
C GLY A 112 0.91 -24.09 8.44
N TRP A 113 0.59 -22.81 8.42
CA TRP A 113 1.63 -21.80 8.45
C TRP A 113 1.96 -21.48 9.92
N ASP A 114 3.22 -21.65 10.30
CA ASP A 114 3.63 -21.41 11.68
C ASP A 114 4.36 -20.10 11.93
N GLN A 115 4.70 -19.39 10.86
CA GLN A 115 5.39 -18.12 10.99
C GLN A 115 4.39 -16.98 11.13
N ILE A 116 3.68 -16.99 12.24
CA ILE A 116 2.68 -16.00 12.60
C ILE A 116 2.92 -15.74 14.09
N SER A 117 3.13 -14.48 14.46
CA SER A 117 3.36 -14.14 15.86
C SER A 117 2.07 -14.29 16.64
N ASP A 118 2.17 -14.30 17.96
CA ASP A 118 0.97 -14.40 18.79
C ASP A 118 0.25 -13.05 18.74
N ILE A 119 -1.02 -13.06 19.10
CA ILE A 119 -1.81 -11.83 19.13
C ILE A 119 -1.50 -11.09 20.44
N TYR A 120 -1.23 -9.79 20.34
CA TYR A 120 -0.92 -9.02 21.53
C TYR A 120 -1.50 -7.61 21.44
N THR A 121 -1.65 -6.96 22.60
CA THR A 121 -2.23 -5.63 22.66
C THR A 121 -1.23 -4.48 22.51
N GLN A 122 -1.53 -3.58 21.57
CA GLN A 122 -0.68 -2.42 21.31
C GLN A 122 -1.08 -1.23 22.20
N PRO A 123 -0.11 -0.41 22.60
CA PRO A 123 -0.40 0.75 23.44
C PRO A 123 -1.43 1.65 22.80
N TRP A 124 -1.43 1.72 21.48
CA TRP A 124 -2.37 2.59 20.78
C TRP A 124 -3.81 2.11 20.65
N GLY A 125 -4.18 1.10 21.43
CA GLY A 125 -5.56 0.65 21.40
C GLY A 125 -6.01 -0.44 20.43
N ALA A 126 -5.14 -1.39 20.12
CA ALA A 126 -5.52 -2.46 19.21
C ALA A 126 -4.75 -3.75 19.45
N ARG A 127 -5.37 -4.86 19.06
CA ARG A 127 -4.71 -6.14 19.20
C ARG A 127 -4.08 -6.39 17.83
N GLU A 128 -2.87 -6.93 17.82
CA GLU A 128 -2.22 -7.18 16.55
C GLU A 128 -1.37 -8.44 16.56
N CYS A 129 -0.96 -8.82 15.35
CA CYS A 129 -0.08 -9.96 15.15
C CYS A 129 0.46 -9.77 13.74
N SER A 130 1.68 -10.21 13.52
CA SER A 130 2.27 -10.08 12.20
C SER A 130 2.54 -11.45 11.60
N ILE A 131 2.48 -11.53 10.27
CA ILE A 131 2.69 -12.78 9.57
C ILE A 131 3.85 -12.59 8.61
N THR A 132 4.67 -13.62 8.47
CA THR A 132 5.78 -13.57 7.54
C THR A 132 5.28 -14.33 6.31
N THR A 133 5.39 -13.72 5.14
CA THR A 133 4.92 -14.38 3.92
C THR A 133 5.94 -15.37 3.39
N THR A 134 5.54 -16.10 2.35
CA THR A 134 6.42 -17.09 1.72
C THR A 134 7.61 -16.40 1.09
N ASP A 135 7.50 -15.08 0.91
CA ASP A 135 8.57 -14.31 0.30
C ASP A 135 9.47 -13.62 1.32
N GLY A 136 9.08 -13.71 2.60
CA GLY A 136 9.88 -13.09 3.63
C GLY A 136 9.38 -11.75 4.19
N CYS A 137 8.46 -11.08 3.50
CA CYS A 137 7.96 -9.79 3.98
C CYS A 137 7.08 -10.01 5.20
N ILE A 138 6.88 -8.92 5.93
CA ILE A 138 6.06 -8.91 7.12
C ILE A 138 4.73 -8.23 6.85
N LEU A 139 3.64 -8.85 7.30
CA LEU A 139 2.32 -8.27 7.15
C LEU A 139 1.78 -8.08 8.56
N ARG A 140 1.40 -6.85 8.87
CA ARG A 140 0.85 -6.53 10.18
C ARG A 140 -0.67 -6.47 10.11
N PHE A 141 -1.32 -7.15 11.04
CA PHE A 141 -2.78 -7.17 11.10
C PHE A 141 -3.19 -6.63 12.46
N PHE A 142 -4.18 -5.76 12.50
CA PHE A 142 -4.61 -5.23 13.78
C PHE A 142 -6.12 -5.03 13.83
N GLU A 143 -6.64 -5.05 15.05
CA GLU A 143 -8.06 -4.85 15.29
C GLU A 143 -8.15 -3.99 16.55
N SER A 144 -8.82 -2.85 16.44
CA SER A 144 -8.94 -1.95 17.57
C SER A 144 -9.85 -2.53 18.66
N ILE A 145 -9.62 -2.13 19.91
CA ILE A 145 -10.42 -2.63 21.02
C ILE A 145 -11.53 -1.64 21.34
N GLU B 15 -11.30 -15.75 2.74
CA GLU B 15 -10.83 -16.28 4.05
C GLU B 15 -11.95 -16.94 4.83
N ARG B 16 -11.85 -16.94 6.15
CA ARG B 16 -12.90 -17.52 6.98
C ARG B 16 -12.88 -16.93 8.38
N GLY B 17 -13.97 -16.24 8.72
CA GLY B 17 -14.08 -15.64 10.04
C GLY B 17 -13.52 -14.24 10.14
N TYR B 18 -12.92 -13.74 9.07
CA TYR B 18 -12.36 -12.39 9.14
C TYR B 18 -12.43 -11.62 7.82
N VAL B 19 -12.47 -10.30 7.91
CA VAL B 19 -12.52 -9.46 6.72
C VAL B 19 -11.55 -8.29 6.84
N VAL B 20 -11.04 -7.83 5.70
CA VAL B 20 -10.13 -6.70 5.70
C VAL B 20 -10.95 -5.41 5.62
N ARG B 21 -10.75 -4.51 6.59
CA ARG B 21 -11.49 -3.26 6.59
C ARG B 21 -10.72 -2.20 5.82
N GLU B 22 -9.42 -2.11 6.07
CA GLU B 22 -8.58 -1.14 5.40
C GLU B 22 -7.22 -1.75 5.11
N ASN B 23 -6.64 -1.35 3.99
CA ASN B 23 -5.33 -1.85 3.60
C ASN B 23 -4.54 -0.78 2.85
N GLY B 24 -4.25 0.32 3.54
CA GLY B 24 -3.50 1.40 2.93
C GLY B 24 -1.99 1.12 2.88
N PRO B 25 -1.29 1.56 1.81
CA PRO B 25 0.15 1.36 1.65
C PRO B 25 0.98 1.97 2.77
N VAL B 26 2.16 1.39 2.97
CA VAL B 26 3.08 1.83 4.00
C VAL B 26 4.19 2.67 3.36
N TYR B 27 4.75 3.57 4.16
CA TYR B 27 5.81 4.46 3.71
C TYR B 27 6.76 4.66 4.92
N PHE B 28 8.06 4.74 4.65
CA PHE B 28 9.04 4.91 5.71
C PHE B 28 9.84 6.17 5.51
N THR B 29 10.12 6.86 6.62
CA THR B 29 10.87 8.11 6.57
C THR B 29 11.74 8.30 7.81
N LYS B 30 12.77 9.14 7.68
CA LYS B 30 13.69 9.43 8.78
C LYS B 30 13.43 10.82 9.33
N ASP B 31 12.39 11.46 8.81
CA ASP B 31 11.98 12.81 9.21
C ASP B 31 10.53 12.96 8.78
N MET B 32 9.63 12.42 9.57
CA MET B 32 8.20 12.45 9.28
C MET B 32 7.63 13.82 8.90
N ASP B 33 8.08 14.88 9.56
CA ASP B 33 7.59 16.22 9.26
C ASP B 33 7.98 16.68 7.86
N LYS B 34 9.19 16.38 7.43
CA LYS B 34 9.64 16.75 6.09
C LYS B 34 8.80 16.05 5.04
N THR B 35 8.52 14.77 5.26
CA THR B 35 7.74 13.98 4.33
C THR B 35 6.33 14.55 4.20
N VAL B 36 5.70 14.81 5.34
CA VAL B 36 4.36 15.37 5.34
C VAL B 36 4.34 16.69 4.57
N LYS B 37 5.34 17.52 4.79
CA LYS B 37 5.38 18.80 4.10
C LYS B 37 5.54 18.65 2.59
N TRP B 38 6.31 17.66 2.16
CA TRP B 38 6.52 17.44 0.73
C TRP B 38 5.19 17.04 0.11
N PHE B 39 4.49 16.12 0.78
CA PHE B 39 3.19 15.65 0.30
C PHE B 39 2.20 16.79 0.20
N GLU B 40 2.20 17.67 1.21
CA GLU B 40 1.27 18.79 1.22
C GLU B 40 1.67 19.89 0.22
N GLU B 41 2.96 20.20 0.14
CA GLU B 41 3.41 21.26 -0.76
C GLU B 41 3.59 20.92 -2.23
N ILE B 42 3.96 19.68 -2.53
CA ILE B 42 4.18 19.28 -3.91
C ILE B 42 3.00 18.57 -4.57
N LEU B 43 2.32 17.70 -3.84
CA LEU B 43 1.18 16.95 -4.37
C LEU B 43 -0.17 17.50 -3.96
N GLY B 44 -0.17 18.39 -2.96
CA GLY B 44 -1.42 18.96 -2.50
C GLY B 44 -2.25 18.04 -1.63
N TRP B 45 -1.60 17.12 -0.93
CA TRP B 45 -2.30 16.20 -0.04
C TRP B 45 -2.36 16.80 1.37
N SER B 46 -2.94 16.05 2.31
CA SER B 46 -3.02 16.50 3.69
C SER B 46 -2.33 15.46 4.56
N GLY B 47 -1.53 15.93 5.50
CA GLY B 47 -0.81 15.01 6.37
C GLY B 47 -1.12 15.26 7.82
N ASP B 48 -0.73 14.33 8.68
CA ASP B 48 -0.98 14.46 10.09
C ASP B 48 -0.09 13.51 10.89
N ILE B 49 0.64 14.06 11.84
CA ILE B 49 1.47 13.22 12.69
C ILE B 49 0.54 12.80 13.81
N VAL B 50 0.47 11.50 14.08
CA VAL B 50 -0.43 11.00 15.11
C VAL B 50 0.26 10.68 16.43
N ALA B 51 1.54 10.35 16.37
CA ALA B 51 2.29 10.03 17.58
C ALA B 51 3.69 10.61 17.51
N ARG B 52 4.16 11.18 18.62
CA ARG B 52 5.49 11.75 18.62
C ARG B 52 6.36 11.14 19.69
N ASP B 53 7.66 11.12 19.40
CA ASP B 53 8.68 10.58 20.29
C ASP B 53 8.75 11.46 21.53
N ASP B 54 9.61 11.10 22.47
CA ASP B 54 9.77 11.88 23.69
C ASP B 54 10.46 13.19 23.39
N GLU B 55 11.15 13.24 22.26
CA GLU B 55 11.87 14.43 21.85
C GLU B 55 11.10 15.21 20.79
N GLY B 56 9.90 14.74 20.47
CA GLY B 56 9.08 15.44 19.49
C GLY B 56 9.14 14.92 18.05
N PHE B 57 9.89 13.85 17.80
CA PHE B 57 9.97 13.31 16.44
C PHE B 57 8.76 12.44 16.16
N GLY B 58 8.29 12.48 14.92
CA GLY B 58 7.13 11.68 14.56
C GLY B 58 7.41 10.19 14.54
N ASP B 59 6.54 9.40 15.15
CA ASP B 59 6.71 7.95 15.16
C ASP B 59 5.72 7.34 14.17
N TYR B 60 4.52 7.90 14.14
CA TYR B 60 3.48 7.41 13.27
C TYR B 60 2.60 8.54 12.77
N GLY B 61 2.14 8.40 11.54
CA GLY B 61 1.28 9.42 10.98
C GLY B 61 0.76 8.93 9.66
N CYS B 62 0.24 9.86 8.86
CA CYS B 62 -0.30 9.51 7.57
C CYS B 62 -0.59 10.73 6.72
N VAL B 63 -0.75 10.49 5.42
CA VAL B 63 -1.07 11.51 4.46
C VAL B 63 -2.13 10.91 3.56
N PHE B 64 -3.01 11.75 3.03
CA PHE B 64 -4.09 11.31 2.16
C PHE B 64 -4.36 12.42 1.17
N ASP B 65 -4.93 12.07 0.02
CA ASP B 65 -5.19 13.09 -0.99
C ASP B 65 -6.46 13.88 -0.72
N TYR B 66 -7.38 13.35 0.09
CA TYR B 66 -8.60 14.10 0.38
C TYR B 66 -8.42 15.07 1.55
N PRO B 67 -9.42 15.92 1.81
CA PRO B 67 -9.34 16.89 2.91
C PRO B 67 -9.40 16.27 4.30
N SER B 68 -8.73 16.92 5.26
CA SER B 68 -8.69 16.45 6.64
C SER B 68 -10.07 16.07 7.16
N GLU B 69 -11.04 16.92 6.90
CA GLU B 69 -12.42 16.70 7.31
C GLU B 69 -12.89 15.27 7.01
N VAL B 70 -12.99 14.94 5.73
CA VAL B 70 -13.44 13.62 5.31
C VAL B 70 -12.73 12.46 6.00
N ALA B 71 -11.46 12.64 6.34
CA ALA B 71 -10.69 11.61 6.99
C ALA B 71 -11.11 11.38 8.44
N VAL B 72 -11.54 12.46 9.10
CA VAL B 72 -11.95 12.36 10.50
C VAL B 72 -13.22 11.52 10.67
N ALA B 73 -13.98 11.35 9.59
CA ALA B 73 -15.20 10.57 9.61
C ALA B 73 -15.20 9.56 8.47
N HIS B 74 -14.93 8.30 8.79
CA HIS B 74 -14.87 7.25 7.79
C HIS B 74 -16.18 7.13 7.01
N PRO B 77 -13.15 4.96 5.02
CA PRO B 77 -12.17 4.32 4.15
C PRO B 77 -10.81 5.00 4.29
N PHE B 78 -9.76 4.39 3.75
CA PHE B 78 -8.43 4.98 3.82
C PHE B 78 -7.57 4.64 2.60
N ARG B 79 -7.29 5.65 1.78
CA ARG B 79 -6.49 5.46 0.57
C ARG B 79 -5.19 6.28 0.58
N GLY B 80 -4.63 6.53 1.75
CA GLY B 80 -3.41 7.30 1.81
C GLY B 80 -2.23 6.44 2.20
N PHE B 81 -1.17 7.06 2.69
CA PHE B 81 -0.01 6.31 3.11
C PHE B 81 0.14 6.38 4.63
N HIS B 82 0.50 5.26 5.25
CA HIS B 82 0.77 5.22 6.68
C HIS B 82 2.24 5.62 6.72
N LEU B 83 2.63 6.42 7.69
CA LEU B 83 4.02 6.86 7.79
C LEU B 83 4.65 6.26 9.03
N PHE B 84 5.72 5.52 8.83
CA PHE B 84 6.45 4.87 9.92
C PHE B 84 7.89 5.37 9.91
N LYS B 85 8.56 5.29 11.05
CA LYS B 85 9.94 5.71 11.14
C LYS B 85 10.83 4.56 10.65
N GLY B 86 11.77 4.88 9.76
CA GLY B 86 12.66 3.85 9.25
C GLY B 86 13.32 4.31 7.97
N GLU B 87 14.15 3.46 7.39
CA GLU B 87 14.83 3.79 6.14
C GLU B 87 13.84 3.87 4.99
N PRO B 88 13.81 5.02 4.29
CA PRO B 88 12.88 5.18 3.18
C PRO B 88 13.03 4.06 2.16
N ILE B 89 11.92 3.70 1.53
CA ILE B 89 11.95 2.64 0.52
C ILE B 89 12.82 3.04 -0.66
N LYS B 90 13.60 2.09 -1.15
CA LYS B 90 14.45 2.31 -2.32
C LYS B 90 13.72 1.66 -3.48
N GLY B 91 13.14 2.47 -4.36
CA GLY B 91 12.41 1.94 -5.49
C GLY B 91 10.98 2.43 -5.47
N VAL B 92 10.08 1.66 -6.08
CA VAL B 92 8.67 2.00 -6.15
C VAL B 92 7.96 1.83 -4.81
N ALA B 93 7.31 2.89 -4.34
CA ALA B 93 6.59 2.86 -3.07
C ALA B 93 5.08 2.95 -3.29
N GLY B 94 4.66 3.40 -4.46
CA GLY B 94 3.24 3.52 -4.74
C GLY B 94 2.86 3.34 -6.20
N PHE B 95 1.65 2.83 -6.41
CA PHE B 95 1.07 2.58 -7.73
C PHE B 95 -0.38 3.02 -7.62
N MET B 96 -0.66 4.24 -8.03
CA MET B 96 -2.00 4.84 -7.94
C MET B 96 -2.74 5.13 -9.25
N MET B 97 -4.02 4.77 -9.29
CA MET B 97 -4.85 5.07 -10.44
C MET B 97 -5.44 6.45 -10.16
N ILE B 98 -5.40 7.36 -11.13
CA ILE B 98 -5.97 8.69 -10.90
C ILE B 98 -6.72 9.25 -12.11
N GLU B 99 -7.39 10.38 -11.88
CA GLU B 99 -8.12 11.08 -12.93
C GLU B 99 -7.55 12.48 -12.96
N GLY B 100 -7.07 12.89 -14.13
CA GLY B 100 -6.48 14.21 -14.25
C GLY B 100 -4.97 14.18 -14.15
N ILE B 101 -4.34 13.25 -14.85
CA ILE B 101 -2.88 13.12 -14.83
C ILE B 101 -2.20 14.38 -15.34
N ASP B 102 -2.75 14.96 -16.40
CA ASP B 102 -2.19 16.19 -16.96
C ASP B 102 -2.20 17.25 -15.87
N ALA B 103 -3.33 17.39 -15.19
CA ALA B 103 -3.44 18.35 -14.10
C ALA B 103 -2.38 18.05 -13.04
N LEU B 104 -2.20 16.77 -12.72
CA LEU B 104 -1.22 16.37 -11.72
C LEU B 104 0.17 16.87 -12.05
N HIS B 105 0.59 16.59 -13.28
CA HIS B 105 1.91 16.98 -13.73
C HIS B 105 2.10 18.50 -13.68
N LYS B 106 1.06 19.24 -14.04
CA LYS B 106 1.14 20.69 -14.00
C LYS B 106 1.27 21.17 -12.56
N TYR B 107 0.44 20.63 -11.67
CA TYR B 107 0.46 21.03 -10.27
C TYR B 107 1.84 20.82 -9.67
N VAL B 108 2.37 19.61 -9.80
CA VAL B 108 3.68 19.30 -9.25
C VAL B 108 4.73 20.24 -9.81
N LYS B 109 4.68 20.45 -11.12
CA LYS B 109 5.63 21.33 -11.79
C LYS B 109 5.53 22.78 -11.28
N GLU B 110 4.30 23.30 -11.19
CA GLU B 110 4.10 24.67 -10.71
C GLU B 110 4.65 24.82 -9.28
N ASN B 111 4.52 23.78 -8.47
CA ASN B 111 5.00 23.83 -7.10
C ASN B 111 6.51 23.76 -6.97
N GLY B 112 7.21 23.72 -8.11
CA GLY B 112 8.66 23.70 -8.11
C GLY B 112 9.39 22.37 -8.14
N TRP B 113 8.67 21.27 -7.97
CA TRP B 113 9.33 19.97 -7.98
C TRP B 113 9.64 19.57 -9.43
N ASP B 114 10.91 19.29 -9.70
CA ASP B 114 11.31 18.91 -11.06
C ASP B 114 11.59 17.43 -11.25
N GLN B 115 11.60 16.67 -10.15
CA GLN B 115 11.87 15.25 -10.23
C GLN B 115 10.62 14.44 -10.50
N ILE B 116 10.01 14.71 -11.65
CA ILE B 116 8.82 14.02 -12.10
C ILE B 116 9.10 13.74 -13.57
N SER B 117 8.78 12.53 -14.01
CA SER B 117 9.02 12.14 -15.39
C SER B 117 7.95 12.70 -16.29
N ASP B 118 8.20 12.64 -17.59
CA ASP B 118 7.20 13.11 -18.56
C ASP B 118 6.08 12.10 -18.49
N ILE B 119 4.93 12.45 -19.05
CA ILE B 119 3.82 11.51 -19.07
C ILE B 119 4.03 10.69 -20.33
N TYR B 120 3.71 9.40 -20.28
CA TYR B 120 3.86 8.54 -21.44
C TYR B 120 2.81 7.44 -21.38
N THR B 121 2.55 6.84 -22.54
CA THR B 121 1.55 5.79 -22.64
C THR B 121 2.13 4.39 -22.44
N GLN B 122 1.48 3.61 -21.58
CA GLN B 122 1.91 2.25 -21.30
C GLN B 122 1.18 1.28 -22.22
N PRO B 123 1.84 0.18 -22.59
CA PRO B 123 1.26 -0.84 -23.46
C PRO B 123 -0.03 -1.43 -22.90
N TRP B 124 -0.18 -1.40 -21.58
CA TRP B 124 -1.38 -1.97 -20.98
C TRP B 124 -2.59 -1.04 -21.00
N GLY B 125 -2.50 0.07 -21.73
CA GLY B 125 -3.64 0.97 -21.85
C GLY B 125 -3.81 2.13 -20.89
N ALA B 126 -2.72 2.78 -20.50
CA ALA B 126 -2.84 3.90 -19.58
C ALA B 126 -1.69 4.89 -19.71
N ARG B 127 -1.94 6.12 -19.30
CA ARG B 127 -0.91 7.15 -19.34
C ARG B 127 -0.32 7.16 -17.94
N GLU B 128 1.00 7.16 -17.87
CA GLU B 128 1.70 7.12 -16.59
C GLU B 128 2.79 8.19 -16.52
N CYS B 129 3.25 8.43 -15.30
CA CYS B 129 4.35 9.34 -15.03
C CYS B 129 4.68 8.98 -13.60
N SER B 130 5.93 9.11 -13.21
CA SER B 130 6.31 8.76 -11.84
C SER B 130 7.05 9.91 -11.16
N ILE B 131 6.97 9.94 -9.84
CA ILE B 131 7.61 11.01 -9.08
C ILE B 131 8.49 10.46 -7.97
N THR B 132 9.61 11.13 -7.75
CA THR B 132 10.54 10.77 -6.71
C THR B 132 10.18 11.68 -5.53
N THR B 133 10.06 11.13 -4.32
CA THR B 133 9.70 11.93 -3.15
C THR B 133 10.94 12.56 -2.54
N THR B 134 10.76 13.24 -1.41
CA THR B 134 11.90 13.88 -0.73
C THR B 134 12.76 12.75 -0.19
N ASP B 135 12.09 11.67 0.23
CA ASP B 135 12.75 10.53 0.80
C ASP B 135 13.39 9.64 -0.26
N GLY B 136 13.17 9.99 -1.52
CA GLY B 136 13.76 9.23 -2.62
C GLY B 136 12.99 8.08 -3.25
N CYS B 137 11.83 7.74 -2.71
CA CYS B 137 11.05 6.65 -3.29
C CYS B 137 10.33 7.07 -4.55
N ILE B 138 9.92 6.08 -5.33
CA ILE B 138 9.20 6.34 -6.56
C ILE B 138 7.71 6.10 -6.36
N LEU B 139 6.90 7.06 -6.78
CA LEU B 139 5.46 6.93 -6.72
C LEU B 139 5.00 6.89 -8.17
N ARG B 140 4.28 5.84 -8.55
CA ARG B 140 3.78 5.71 -9.91
C ARG B 140 2.31 6.09 -9.98
N PHE B 141 1.97 6.99 -10.90
CA PHE B 141 0.58 7.44 -11.08
C PHE B 141 0.11 7.01 -12.47
N PHE B 142 -1.17 6.66 -12.60
CA PHE B 142 -1.66 6.28 -13.92
C PHE B 142 -3.14 6.52 -14.09
N GLU B 143 -3.53 6.69 -15.35
CA GLU B 143 -4.91 6.94 -15.71
C GLU B 143 -5.25 6.12 -16.96
N SER B 144 -6.32 5.35 -16.89
CA SER B 144 -6.72 4.50 -18.00
C SER B 144 -7.08 5.30 -19.25
N ILE B 145 -6.66 4.78 -20.40
CA ILE B 145 -6.95 5.40 -21.70
C ILE B 145 -8.38 5.07 -22.11
#